data_7Z8Y
#
_entry.id   7Z8Y
#
_cell.length_a   133.762
_cell.length_b   133.762
_cell.length_c   106.711
_cell.angle_alpha   90.000
_cell.angle_beta   90.000
_cell.angle_gamma   120.000
#
_symmetry.space_group_name_H-M   'P 63'
#
loop_
_entity.id
_entity.type
_entity.pdbx_description
1 polymer 'SUN domain-containing protein 1'
2 polymer 'Inositol 1,4,5-triphosphate receptor associated 2'
3 non-polymer 'POTASSIUM ION'
4 non-polymer 'CHLORIDE ION'
5 water water
#
loop_
_entity_poly.entity_id
_entity_poly.type
_entity_poly.pdbx_seq_one_letter_code
_entity_poly.pdbx_strand_id
1 'polypeptide(L)'
;GSGGSGGITEAQARAIVNSALKLYSQDKTGMVDFALESGGGSILSTRCSETYETKTALMSLFGIPLWYFSQSPRVVIQPD
IYPGNCWAFKGSQGYLVVRLSMMIHPAAFTLEHIPKTLSPTGNISSAPKDFAVYGLENEYQEEGQLLGQFTYDQDGESLQ
MFQALKRPDDTAFQIVELRIFSNWGHPEYTCLYRFRVHGEPVK
;
A,B,C
2 'polypeptide(L)' GSMEDSWTSLEHILWPFTRLRHNGPPPV D,E
#
# COMPACT_ATOMS: atom_id res chain seq x y z
N THR A 9 26.32 -2.48 -25.43
CA THR A 9 24.96 -2.95 -25.16
C THR A 9 24.43 -2.29 -23.87
N GLU A 10 25.11 -1.22 -23.41
CA GLU A 10 24.67 -0.55 -22.18
C GLU A 10 23.30 0.09 -22.33
N ALA A 11 23.08 0.81 -23.44
CA ALA A 11 21.79 1.44 -23.66
C ALA A 11 20.69 0.39 -23.78
N GLN A 12 20.96 -0.71 -24.49
CA GLN A 12 19.99 -1.79 -24.59
C GLN A 12 19.70 -2.40 -23.22
N ALA A 13 20.73 -2.56 -22.39
CA ALA A 13 20.53 -3.11 -21.06
C ALA A 13 19.65 -2.18 -20.22
N ARG A 14 19.93 -0.88 -20.26
CA ARG A 14 19.10 0.06 -19.53
C ARG A 14 17.66 0.05 -20.05
N ALA A 15 17.49 -0.10 -21.37
CA ALA A 15 16.15 -0.20 -21.94
C ALA A 15 15.43 -1.45 -21.44
N ILE A 16 16.15 -2.58 -21.36
CA ILE A 16 15.57 -3.81 -20.85
C ILE A 16 15.12 -3.63 -19.39
N VAL A 17 15.97 -2.98 -18.60
CA VAL A 17 15.65 -2.74 -17.20
C VAL A 17 14.42 -1.84 -17.09
N ASN A 18 14.38 -0.78 -17.91
CA ASN A 18 13.25 0.14 -17.88
C ASN A 18 11.95 -0.55 -18.28
N SER A 19 12.00 -1.39 -19.31
CA SER A 19 10.79 -2.12 -19.71
C SER A 19 10.33 -3.05 -18.59
N ALA A 20 11.26 -3.75 -17.95
CA ALA A 20 10.90 -4.66 -16.87
C ALA A 20 10.26 -3.90 -15.70
N LEU A 21 10.86 -2.77 -15.31
CA LEU A 21 10.30 -1.99 -14.22
C LEU A 21 8.94 -1.42 -14.58
N LYS A 22 8.78 -0.96 -15.82
CA LYS A 22 7.50 -0.41 -16.25
C LYS A 22 6.41 -1.47 -16.17
N LEU A 23 6.68 -2.66 -16.71
CA LEU A 23 5.72 -3.75 -16.62
C LEU A 23 5.43 -4.12 -15.18
N TYR A 24 6.47 -4.17 -14.34
CA TYR A 24 6.27 -4.49 -12.93
C TYR A 24 5.34 -3.49 -12.26
N SER A 25 5.59 -2.19 -12.50
CA SER A 25 4.77 -1.15 -11.91
C SER A 25 3.35 -1.15 -12.45
N GLN A 26 3.14 -1.70 -13.65
CA GLN A 26 1.79 -1.80 -14.19
C GLN A 26 1.12 -3.10 -13.73
N ASP A 27 0.99 -3.21 -12.40
CA ASP A 27 0.32 -4.33 -11.76
C ASP A 27 0.92 -5.67 -12.18
N LYS A 28 2.20 -5.66 -12.55
CA LYS A 28 2.99 -6.84 -12.91
C LYS A 28 2.52 -7.51 -14.19
N THR A 29 1.43 -7.04 -14.77
CA THR A 29 0.88 -7.64 -15.98
C THR A 29 0.74 -6.68 -17.14
N GLY A 30 0.59 -5.38 -16.87
CA GLY A 30 0.28 -4.45 -17.93
C GLY A 30 -1.09 -4.67 -18.55
N MET A 31 -1.98 -5.36 -17.85
CA MET A 31 -3.30 -5.69 -18.35
C MET A 31 -4.36 -5.24 -17.36
N VAL A 32 -5.48 -4.74 -17.88
CA VAL A 32 -6.60 -4.38 -17.04
C VAL A 32 -7.07 -5.58 -16.23
N ASP A 33 -7.34 -5.36 -14.96
CA ASP A 33 -7.97 -6.36 -14.09
C ASP A 33 -9.42 -5.93 -13.90
N PHE A 34 -10.33 -6.58 -14.62
CA PHE A 34 -11.74 -6.18 -14.55
C PHE A 34 -12.44 -6.64 -13.27
N ALA A 35 -11.77 -7.43 -12.44
CA ALA A 35 -12.32 -7.79 -11.13
C ALA A 35 -11.86 -6.86 -10.02
N LEU A 36 -10.83 -6.04 -10.24
CA LEU A 36 -10.28 -5.20 -9.20
C LEU A 36 -11.37 -4.30 -8.61
N GLU A 37 -11.49 -4.31 -7.27
CA GLU A 37 -12.61 -3.64 -6.63
C GLU A 37 -12.54 -2.12 -6.86
N SER A 38 -11.37 -1.54 -6.67
CA SER A 38 -11.24 -0.09 -6.81
C SER A 38 -11.57 0.37 -8.23
N GLY A 39 -11.36 -0.50 -9.21
CA GLY A 39 -11.70 -0.18 -10.58
C GLY A 39 -13.13 -0.45 -11.00
N GLY A 40 -13.93 -1.07 -10.13
CA GLY A 40 -15.32 -1.31 -10.46
C GLY A 40 -15.80 -2.73 -10.21
N GLY A 41 -14.88 -3.61 -9.84
CA GLY A 41 -15.30 -4.97 -9.53
C GLY A 41 -15.99 -5.06 -8.19
N SER A 42 -16.80 -6.10 -8.03
CA SER A 42 -17.54 -6.28 -6.79
C SER A 42 -17.67 -7.76 -6.49
N ILE A 43 -17.74 -8.08 -5.20
CA ILE A 43 -18.01 -9.45 -4.76
C ILE A 43 -19.50 -9.58 -4.51
N LEU A 44 -20.12 -10.57 -5.15
CA LEU A 44 -21.48 -10.93 -4.80
C LEU A 44 -21.36 -11.86 -3.60
N SER A 45 -21.29 -11.26 -2.41
CA SER A 45 -20.98 -12.02 -1.21
C SER A 45 -22.03 -13.09 -0.93
N THR A 46 -23.30 -12.82 -1.24
CA THR A 46 -24.35 -13.82 -1.05
C THR A 46 -24.09 -15.08 -1.86
N ARG A 47 -23.24 -15.00 -2.87
CA ARG A 47 -22.86 -16.14 -3.70
C ARG A 47 -21.43 -16.61 -3.43
N CYS A 48 -20.94 -16.44 -2.19
CA CYS A 48 -19.65 -16.97 -1.79
C CYS A 48 -19.82 -18.08 -0.76
N SER A 49 -18.85 -19.00 -0.74
CA SER A 49 -18.82 -20.06 0.26
C SER A 49 -18.45 -19.50 1.64
N GLU A 50 -18.56 -20.36 2.66
CA GLU A 50 -18.42 -19.93 4.04
C GLU A 50 -17.01 -19.47 4.38
N THR A 51 -16.91 -18.34 5.08
CA THR A 51 -15.62 -17.84 5.53
C THR A 51 -15.15 -18.63 6.75
N TYR A 52 -13.89 -19.07 6.72
CA TYR A 52 -13.26 -19.66 7.89
C TYR A 52 -12.94 -18.55 8.88
N GLU A 53 -13.40 -18.65 10.12
CA GLU A 53 -13.18 -17.56 11.07
C GLU A 53 -11.86 -17.82 11.80
N THR A 54 -10.83 -17.09 11.37
CA THR A 54 -9.51 -17.12 11.99
C THR A 54 -9.33 -16.05 13.06
N LYS A 55 -10.02 -14.91 12.92
CA LYS A 55 -9.91 -13.80 13.88
C LYS A 55 -8.47 -13.36 14.07
N THR A 56 -7.71 -13.35 12.97
CA THR A 56 -6.29 -12.99 13.00
C THR A 56 -6.05 -11.56 12.57
N ALA A 57 -7.10 -10.77 12.36
CA ALA A 57 -6.95 -9.36 11.99
C ALA A 57 -7.39 -8.49 13.15
N LEU A 58 -6.50 -7.59 13.59
CA LEU A 58 -6.79 -6.72 14.73
C LEU A 58 -7.35 -5.40 14.25
N MET A 59 -8.42 -4.93 14.89
CA MET A 59 -8.94 -3.59 14.62
C MET A 59 -8.45 -2.65 15.70
N SER A 60 -8.13 -1.42 15.31
CA SER A 60 -7.68 -0.41 16.25
C SER A 60 -8.27 0.95 15.90
N LEU A 61 -8.50 1.73 16.95
CA LEU A 61 -8.99 3.10 16.80
C LEU A 61 -8.12 3.98 17.68
N PHE A 62 -7.47 4.97 17.08
CA PHE A 62 -6.57 5.87 17.80
C PHE A 62 -5.51 5.10 18.57
N GLY A 63 -5.01 4.01 17.97
CA GLY A 63 -4.00 3.21 18.63
C GLY A 63 -4.52 2.27 19.69
N ILE A 64 -5.82 2.22 19.91
CA ILE A 64 -6.43 1.34 20.91
C ILE A 64 -6.92 0.08 20.20
N PRO A 65 -6.43 -1.10 20.55
CA PRO A 65 -6.98 -2.34 19.99
C PRO A 65 -8.41 -2.56 20.46
N LEU A 66 -9.26 -3.03 19.55
CA LEU A 66 -10.67 -3.20 19.88
C LEU A 66 -11.15 -4.64 19.79
N TRP A 67 -10.94 -5.31 18.66
CA TRP A 67 -11.34 -6.71 18.54
C TRP A 67 -10.73 -7.34 17.30
N TYR A 68 -10.72 -8.67 17.29
CA TYR A 68 -10.18 -9.48 16.20
C TYR A 68 -11.27 -9.99 15.27
N PHE A 69 -11.12 -9.70 13.99
CA PHE A 69 -12.00 -10.06 12.90
C PHE A 69 -11.28 -10.94 11.88
N SER A 70 -12.08 -11.62 11.05
CA SER A 70 -11.59 -12.42 9.93
C SER A 70 -11.72 -11.62 8.63
N GLN A 71 -11.26 -12.20 7.54
CA GLN A 71 -11.09 -11.44 6.31
C GLN A 71 -12.21 -11.74 5.34
N SER A 72 -12.73 -10.68 4.72
CA SER A 72 -13.83 -10.71 3.78
C SER A 72 -13.37 -11.20 2.41
N PRO A 73 -14.27 -11.83 1.65
CA PRO A 73 -13.92 -12.21 0.27
C PRO A 73 -13.45 -11.02 -0.54
N ARG A 74 -13.79 -9.81 -0.12
CA ARG A 74 -13.37 -8.61 -0.82
C ARG A 74 -11.87 -8.56 -1.01
N VAL A 75 -11.09 -9.12 -0.06
CA VAL A 75 -9.65 -9.01 -0.19
C VAL A 75 -9.14 -9.74 -1.43
N VAL A 76 -9.91 -10.70 -1.94
CA VAL A 76 -9.50 -11.42 -3.15
C VAL A 76 -9.39 -10.48 -4.34
N ILE A 77 -10.08 -9.34 -4.30
CA ILE A 77 -9.98 -8.41 -5.42
C ILE A 77 -9.31 -7.13 -4.93
N GLN A 78 -8.39 -7.26 -3.97
CA GLN A 78 -7.59 -6.13 -3.55
C GLN A 78 -6.12 -6.48 -3.66
N PRO A 79 -5.27 -5.53 -4.08
CA PRO A 79 -3.93 -5.90 -4.56
C PRO A 79 -2.93 -6.30 -3.49
N ASP A 80 -3.13 -5.95 -2.22
CA ASP A 80 -2.16 -6.29 -1.19
C ASP A 80 -2.11 -7.81 -1.00
N ILE A 81 -0.91 -8.40 -1.15
CA ILE A 81 -0.74 -9.85 -1.00
C ILE A 81 0.38 -10.20 -0.02
N TYR A 82 0.60 -9.37 0.99
CA TYR A 82 1.47 -9.80 2.07
C TYR A 82 0.86 -10.99 2.79
N PRO A 83 1.67 -11.86 3.36
CA PRO A 83 1.13 -13.07 4.02
C PRO A 83 0.05 -12.69 5.02
N GLY A 84 -1.09 -13.39 4.92
CA GLY A 84 -2.25 -13.14 5.74
C GLY A 84 -3.31 -12.30 5.08
N ASN A 85 -2.96 -11.57 4.02
CA ASN A 85 -3.91 -10.72 3.30
C ASN A 85 -4.65 -11.54 2.23
N CYS A 86 -5.38 -12.53 2.71
CA CYS A 86 -6.11 -13.44 1.85
C CYS A 86 -7.43 -13.80 2.50
N TRP A 87 -8.38 -14.22 1.68
CA TRP A 87 -9.67 -14.69 2.16
C TRP A 87 -9.59 -16.18 2.39
N ALA A 88 -9.88 -16.61 3.61
CA ALA A 88 -9.84 -18.02 3.97
C ALA A 88 -11.27 -18.54 4.04
N PHE A 89 -11.58 -19.53 3.21
CA PHE A 89 -12.88 -20.18 3.28
C PHE A 89 -12.73 -21.58 3.88
N LYS A 90 -13.84 -22.08 4.44
CA LYS A 90 -13.81 -23.32 5.20
C LYS A 90 -13.57 -24.51 4.29
N GLY A 91 -12.67 -25.40 4.72
CA GLY A 91 -12.43 -26.62 3.97
C GLY A 91 -11.53 -26.40 2.76
N SER A 92 -11.59 -27.36 1.85
CA SER A 92 -10.77 -27.36 0.64
C SER A 92 -11.60 -27.14 -0.61
N GLN A 93 -12.87 -26.79 -0.48
CA GLN A 93 -13.74 -26.51 -1.61
C GLN A 93 -14.53 -25.24 -1.34
N GLY A 94 -14.72 -24.44 -2.36
CA GLY A 94 -15.46 -23.20 -2.17
C GLY A 94 -15.72 -22.54 -3.51
N TYR A 95 -16.36 -21.38 -3.46
CA TYR A 95 -16.66 -20.65 -4.68
C TYR A 95 -16.74 -19.17 -4.35
N LEU A 96 -16.50 -18.35 -5.36
CA LEU A 96 -16.50 -16.91 -5.28
C LEU A 96 -17.13 -16.38 -6.56
N VAL A 97 -18.02 -15.38 -6.43
CA VAL A 97 -18.65 -14.80 -7.61
C VAL A 97 -18.31 -13.32 -7.65
N VAL A 98 -17.80 -12.86 -8.80
CA VAL A 98 -17.32 -11.50 -8.99
C VAL A 98 -18.11 -10.87 -10.12
N ARG A 99 -18.58 -9.66 -9.89
CA ARG A 99 -19.16 -8.82 -10.93
C ARG A 99 -18.08 -7.90 -11.45
N LEU A 100 -17.81 -7.97 -12.76
CA LEU A 100 -16.74 -7.20 -13.37
C LEU A 100 -17.14 -5.75 -13.60
N SER A 101 -16.11 -4.91 -13.74
CA SER A 101 -16.35 -3.49 -13.99
C SER A 101 -16.88 -3.22 -15.39
N MET A 102 -16.75 -4.17 -16.30
CA MET A 102 -17.19 -3.97 -17.68
C MET A 102 -17.68 -5.29 -18.24
N MET A 103 -18.52 -5.21 -19.26
CA MET A 103 -18.91 -6.38 -20.04
C MET A 103 -17.79 -6.71 -21.01
N ILE A 104 -17.15 -7.87 -20.82
CA ILE A 104 -15.95 -8.21 -21.59
C ILE A 104 -16.07 -9.61 -22.18
N HIS A 105 -15.28 -9.84 -23.23
CA HIS A 105 -14.94 -11.18 -23.67
C HIS A 105 -13.73 -11.60 -22.84
N PRO A 106 -13.86 -12.59 -21.96
CA PRO A 106 -12.74 -12.95 -21.07
C PRO A 106 -11.64 -13.64 -21.83
N ALA A 107 -10.40 -13.19 -21.61
CA ALA A 107 -9.23 -13.77 -22.23
C ALA A 107 -8.39 -14.60 -21.28
N ALA A 108 -8.20 -14.15 -20.05
CA ALA A 108 -7.35 -14.89 -19.13
C ALA A 108 -7.76 -14.58 -17.71
N PHE A 109 -7.20 -15.34 -16.79
CA PHE A 109 -7.39 -15.13 -15.36
C PHE A 109 -6.04 -15.25 -14.69
N THR A 110 -5.92 -14.61 -13.54
CA THR A 110 -4.67 -14.63 -12.78
C THR A 110 -4.99 -15.02 -11.34
N LEU A 111 -4.21 -15.94 -10.81
CA LEU A 111 -4.30 -16.33 -9.41
C LEU A 111 -2.96 -16.07 -8.75
N GLU A 112 -2.97 -15.44 -7.58
CA GLU A 112 -1.75 -15.19 -6.85
C GLU A 112 -1.80 -15.87 -5.49
N HIS A 113 -0.65 -16.38 -5.08
CA HIS A 113 -0.45 -16.88 -3.73
C HIS A 113 0.97 -16.52 -3.32
N ILE A 114 1.21 -16.46 -2.02
CA ILE A 114 2.54 -16.08 -1.53
C ILE A 114 3.54 -17.17 -1.91
N PRO A 115 4.80 -16.82 -2.17
CA PRO A 115 5.81 -17.85 -2.41
C PRO A 115 6.09 -18.62 -1.12
N LYS A 116 6.54 -19.87 -1.30
CA LYS A 116 6.91 -20.68 -0.13
C LYS A 116 7.95 -19.99 0.74
N THR A 117 8.81 -19.16 0.13
CA THR A 117 9.88 -18.51 0.89
C THR A 117 9.35 -17.48 1.88
N LEU A 118 8.11 -17.03 1.73
CA LEU A 118 7.52 -16.07 2.65
C LEU A 118 6.49 -16.69 3.58
N SER A 119 6.20 -17.99 3.43
CA SER A 119 5.23 -18.64 4.30
C SER A 119 5.89 -19.08 5.61
N PRO A 120 5.33 -18.71 6.77
CA PRO A 120 5.96 -19.11 8.03
C PRO A 120 6.11 -20.61 8.19
N THR A 121 5.18 -21.41 7.68
CA THR A 121 5.23 -22.85 7.89
C THR A 121 6.18 -23.56 6.94
N GLY A 122 6.73 -22.86 5.95
CA GLY A 122 7.57 -23.47 4.95
C GLY A 122 6.82 -24.04 3.77
N ASN A 123 5.49 -24.13 3.84
CA ASN A 123 4.68 -24.66 2.76
C ASN A 123 3.50 -23.73 2.52
N ILE A 124 2.85 -23.92 1.38
CA ILE A 124 1.67 -23.17 0.99
C ILE A 124 0.49 -24.13 0.86
N SER A 125 0.42 -25.10 1.77
CA SER A 125 -0.63 -26.10 1.73
C SER A 125 -2.04 -25.52 1.73
N SER A 126 -2.22 -24.27 2.17
CA SER A 126 -3.54 -23.67 2.12
C SER A 126 -3.86 -23.06 0.76
N ALA A 127 -2.92 -23.10 -0.18
CA ALA A 127 -3.15 -22.48 -1.47
C ALA A 127 -4.17 -23.29 -2.26
N PRO A 128 -4.97 -22.63 -3.11
CA PRO A 128 -5.87 -23.37 -3.99
C PRO A 128 -5.08 -24.27 -4.91
N LYS A 129 -5.63 -25.44 -5.21
CA LYS A 129 -4.99 -26.33 -6.17
C LYS A 129 -5.84 -26.49 -7.43
N ASP A 130 -7.02 -27.09 -7.35
CA ASP A 130 -7.82 -27.37 -8.53
C ASP A 130 -9.03 -26.46 -8.54
N PHE A 131 -9.21 -25.72 -9.64
CA PHE A 131 -10.27 -24.74 -9.73
C PHE A 131 -10.74 -24.64 -11.18
N ALA A 132 -11.90 -24.02 -11.35
CA ALA A 132 -12.51 -23.78 -12.65
C ALA A 132 -13.19 -22.41 -12.63
N VAL A 133 -13.33 -21.83 -13.80
CA VAL A 133 -13.91 -20.50 -13.95
C VAL A 133 -15.05 -20.56 -14.95
N TYR A 134 -16.18 -19.96 -14.57
CA TYR A 134 -17.41 -19.94 -15.34
C TYR A 134 -17.87 -18.51 -15.60
N GLY A 135 -18.51 -18.29 -16.74
CA GLY A 135 -19.13 -17.02 -17.05
C GLY A 135 -20.63 -17.10 -16.84
N LEU A 136 -21.19 -16.04 -16.26
CA LEU A 136 -22.61 -15.98 -15.92
C LEU A 136 -23.23 -14.76 -16.59
N GLU A 137 -24.43 -14.95 -17.13
CA GLU A 137 -25.10 -13.88 -17.87
C GLU A 137 -25.89 -12.94 -16.95
N ASN A 138 -26.35 -13.43 -15.82
CA ASN A 138 -26.98 -12.60 -14.81
C ASN A 138 -26.65 -13.17 -13.45
N GLU A 139 -26.75 -12.34 -12.41
CA GLU A 139 -26.32 -12.76 -11.09
C GLU A 139 -27.20 -13.86 -10.50
N TYR A 140 -28.36 -14.15 -11.10
CA TYR A 140 -29.27 -15.16 -10.58
C TYR A 140 -29.14 -16.51 -11.30
N GLN A 141 -28.24 -16.64 -12.26
CA GLN A 141 -28.11 -17.87 -13.03
C GLN A 141 -27.28 -18.91 -12.27
N GLU A 142 -27.77 -20.16 -12.24
CA GLU A 142 -27.08 -21.23 -11.55
C GLU A 142 -26.01 -21.88 -12.42
N GLU A 143 -26.37 -22.22 -13.66
CA GLU A 143 -25.48 -22.95 -14.56
C GLU A 143 -24.81 -21.95 -15.50
N GLY A 144 -23.49 -21.83 -15.39
CA GLY A 144 -22.72 -20.94 -16.22
C GLY A 144 -21.98 -21.65 -17.36
N GLN A 145 -21.37 -20.83 -18.22
CA GLN A 145 -20.56 -21.33 -19.32
C GLN A 145 -19.14 -21.57 -18.82
N LEU A 146 -18.65 -22.79 -18.98
CA LEU A 146 -17.31 -23.09 -18.51
C LEU A 146 -16.28 -22.27 -19.28
N LEU A 147 -15.53 -21.44 -18.55
CA LEU A 147 -14.44 -20.68 -19.17
C LEU A 147 -13.07 -21.34 -18.98
N GLY A 148 -12.95 -22.28 -18.05
CA GLY A 148 -11.73 -23.07 -18.02
C GLY A 148 -11.52 -23.90 -16.77
N GLN A 149 -10.76 -24.99 -16.89
CA GLN A 149 -10.36 -25.81 -15.75
C GLN A 149 -8.85 -25.73 -15.59
N PHE A 150 -8.39 -25.49 -14.36
CA PHE A 150 -6.99 -25.19 -14.11
C PHE A 150 -6.55 -25.77 -12.77
N THR A 151 -5.22 -25.83 -12.61
CA THR A 151 -4.58 -26.12 -11.34
C THR A 151 -3.56 -25.03 -11.05
N TYR A 152 -3.62 -24.46 -9.84
CA TYR A 152 -2.56 -23.57 -9.36
C TYR A 152 -1.40 -24.43 -8.87
N ASP A 153 -0.21 -24.19 -9.42
CA ASP A 153 0.94 -25.07 -9.20
C ASP A 153 1.73 -24.59 -8.00
N GLN A 154 1.77 -25.41 -6.95
CA GLN A 154 2.48 -25.02 -5.73
C GLN A 154 3.99 -24.92 -5.95
N ASP A 155 4.51 -25.59 -6.97
CA ASP A 155 5.93 -25.49 -7.32
C ASP A 155 6.19 -24.45 -8.40
N GLY A 156 5.19 -23.65 -8.77
CA GLY A 156 5.33 -22.60 -9.75
C GLY A 156 5.59 -21.24 -9.12
N GLU A 157 5.50 -20.21 -9.97
CA GLU A 157 5.71 -18.85 -9.52
C GLU A 157 4.54 -18.35 -8.69
N SER A 158 4.78 -17.27 -7.95
CA SER A 158 3.74 -16.73 -7.08
C SER A 158 2.51 -16.30 -7.87
N LEU A 159 2.72 -15.60 -8.97
CA LEU A 159 1.64 -15.16 -9.84
C LEU A 159 1.53 -16.12 -11.01
N GLN A 160 0.32 -16.66 -11.24
CA GLN A 160 0.13 -17.59 -12.34
C GLN A 160 -1.05 -17.13 -13.19
N MET A 161 -0.85 -17.18 -14.51
CA MET A 161 -1.87 -16.81 -15.47
C MET A 161 -2.42 -18.05 -16.17
N PHE A 162 -3.70 -17.98 -16.51
CA PHE A 162 -4.42 -19.10 -17.08
C PHE A 162 -5.26 -18.60 -18.24
N GLN A 163 -5.16 -19.26 -19.38
CA GLN A 163 -5.84 -18.81 -20.60
C GLN A 163 -7.25 -19.37 -20.66
N ALA A 164 -8.21 -18.49 -20.92
CA ALA A 164 -9.60 -18.91 -21.00
C ALA A 164 -9.86 -19.71 -22.28
N LEU A 165 -10.88 -20.56 -22.23
CA LEU A 165 -11.26 -21.30 -23.42
C LEU A 165 -11.79 -20.35 -24.48
N LYS A 166 -11.36 -20.56 -25.72
CA LYS A 166 -11.87 -19.77 -26.83
C LYS A 166 -13.17 -20.37 -27.34
N ARG A 167 -14.21 -19.57 -27.34
CA ARG A 167 -15.44 -20.13 -27.90
C ARG A 167 -15.72 -19.48 -29.24
N PRO A 168 -16.17 -20.25 -30.25
CA PRO A 168 -16.50 -19.64 -31.54
C PRO A 168 -17.53 -18.53 -31.43
N ASP A 169 -18.54 -18.67 -30.57
CA ASP A 169 -19.45 -17.58 -30.29
C ASP A 169 -18.98 -17.00 -28.98
N ASP A 170 -18.27 -15.88 -29.04
CA ASP A 170 -17.73 -15.28 -27.83
C ASP A 170 -18.84 -14.46 -27.21
N THR A 171 -19.58 -15.08 -26.31
CA THR A 171 -20.56 -14.36 -25.54
C THR A 171 -19.83 -13.60 -24.45
N ALA A 172 -20.21 -12.36 -24.26
CA ALA A 172 -19.53 -11.56 -23.26
C ALA A 172 -20.16 -11.81 -21.90
N PHE A 173 -19.37 -11.58 -20.87
CA PHE A 173 -19.82 -11.75 -19.51
C PHE A 173 -19.38 -10.56 -18.68
N GLN A 174 -20.20 -10.24 -17.67
CA GLN A 174 -19.83 -9.28 -16.64
C GLN A 174 -19.85 -9.92 -15.27
N ILE A 175 -20.12 -11.21 -15.18
CA ILE A 175 -20.13 -11.96 -13.93
C ILE A 175 -19.32 -13.23 -14.14
N VAL A 176 -18.38 -13.51 -13.25
CA VAL A 176 -17.59 -14.73 -13.31
C VAL A 176 -17.67 -15.45 -11.97
N GLU A 177 -17.68 -16.78 -12.03
CA GLU A 177 -17.63 -17.63 -10.85
C GLU A 177 -16.33 -18.42 -10.84
N LEU A 178 -15.60 -18.31 -9.74
CA LEU A 178 -14.42 -19.12 -9.47
C LEU A 178 -14.82 -20.23 -8.51
N ARG A 179 -14.68 -21.49 -8.94
CA ARG A 179 -14.92 -22.63 -8.08
C ARG A 179 -13.57 -23.27 -7.76
N ILE A 180 -13.23 -23.37 -6.48
CA ILE A 180 -12.05 -24.10 -6.04
C ILE A 180 -12.50 -25.47 -5.57
N PHE A 181 -12.06 -26.50 -6.30
CA PHE A 181 -12.36 -27.88 -5.96
C PHE A 181 -11.36 -28.48 -4.99
N SER A 182 -10.14 -27.97 -4.93
CA SER A 182 -9.19 -28.53 -3.98
C SER A 182 -8.09 -27.53 -3.67
N ASN A 183 -7.49 -27.71 -2.49
CA ASN A 183 -6.32 -26.97 -2.03
C ASN A 183 -5.12 -27.92 -1.95
N TRP A 184 -4.01 -27.41 -1.43
CA TRP A 184 -2.76 -28.17 -1.40
C TRP A 184 -2.52 -28.89 -0.07
N GLY A 185 -3.59 -29.28 0.61
CA GLY A 185 -3.49 -30.21 1.71
C GLY A 185 -3.86 -29.66 3.07
N HIS A 186 -4.03 -28.37 3.23
CA HIS A 186 -4.41 -27.85 4.53
C HIS A 186 -5.82 -28.34 4.86
N PRO A 187 -6.02 -28.99 6.01
CA PRO A 187 -7.31 -29.63 6.29
C PRO A 187 -8.37 -28.68 6.84
N GLU A 188 -8.00 -27.46 7.22
CA GLU A 188 -8.92 -26.57 7.90
C GLU A 188 -9.53 -25.52 6.97
N TYR A 189 -8.74 -24.96 6.07
CA TYR A 189 -9.21 -23.85 5.24
C TYR A 189 -8.38 -23.80 3.97
N THR A 190 -8.77 -22.87 3.09
CA THR A 190 -8.01 -22.53 1.89
C THR A 190 -7.96 -21.00 1.82
N CYS A 191 -6.79 -20.44 1.54
N CYS A 191 -6.77 -20.49 1.48
CA CYS A 191 -6.65 -18.98 1.55
CA CYS A 191 -6.49 -19.06 1.44
C CYS A 191 -6.38 -18.47 0.14
C CYS A 191 -6.42 -18.61 0.00
N LEU A 192 -7.22 -17.53 -0.31
N LEU A 192 -7.18 -17.56 -0.33
CA LEU A 192 -7.19 -17.00 -1.67
C LEU A 192 -6.69 -15.56 -1.58
N TYR A 193 -5.54 -15.30 -2.20
CA TYR A 193 -4.90 -13.99 -2.05
C TYR A 193 -5.40 -12.97 -3.06
N ARG A 194 -5.38 -13.31 -4.35
CA ARG A 194 -5.92 -12.41 -5.35
C ARG A 194 -6.29 -13.18 -6.61
N PHE A 195 -7.41 -12.77 -7.21
CA PHE A 195 -7.93 -13.33 -8.45
C PHE A 195 -8.23 -12.17 -9.38
N ARG A 196 -7.71 -12.25 -10.61
CA ARG A 196 -7.89 -11.21 -11.61
C ARG A 196 -8.54 -11.80 -12.86
N VAL A 197 -9.31 -10.97 -13.56
CA VAL A 197 -9.96 -11.34 -14.81
C VAL A 197 -9.53 -10.35 -15.88
N HIS A 198 -8.99 -10.86 -16.99
CA HIS A 198 -8.50 -10.04 -18.09
C HIS A 198 -9.26 -10.40 -19.37
N GLY A 199 -9.48 -9.39 -20.20
CA GLY A 199 -10.20 -9.60 -21.44
C GLY A 199 -10.38 -8.31 -22.20
N GLU A 200 -11.30 -8.35 -23.17
CA GLU A 200 -11.52 -7.19 -24.03
C GLU A 200 -12.95 -6.68 -23.87
N PRO A 201 -13.13 -5.39 -23.59
CA PRO A 201 -14.50 -4.86 -23.45
C PRO A 201 -15.25 -4.89 -24.77
N VAL A 202 -16.56 -4.95 -24.67
CA VAL A 202 -17.41 -4.92 -25.86
C VAL A 202 -17.67 -3.47 -26.29
N THR B 9 30.49 -5.49 -17.73
CA THR B 9 29.62 -6.49 -18.33
C THR B 9 28.57 -6.96 -17.32
N GLU B 10 28.79 -8.14 -16.73
CA GLU B 10 27.83 -8.69 -15.79
C GLU B 10 27.71 -7.82 -14.54
N ALA B 11 28.86 -7.39 -14.00
CA ALA B 11 28.85 -6.51 -12.83
C ALA B 11 28.21 -5.17 -13.16
N GLN B 12 28.49 -4.63 -14.35
CA GLN B 12 27.87 -3.38 -14.78
C GLN B 12 26.36 -3.52 -14.88
N ALA B 13 25.89 -4.65 -15.41
CA ALA B 13 24.46 -4.88 -15.51
C ALA B 13 23.81 -4.98 -14.14
N ARG B 14 24.44 -5.71 -13.21
CA ARG B 14 23.89 -5.79 -11.87
C ARG B 14 23.87 -4.41 -11.19
N ALA B 15 24.90 -3.60 -11.43
CA ALA B 15 24.91 -2.26 -10.87
C ALA B 15 23.77 -1.41 -11.43
N ILE B 16 23.55 -1.49 -12.74
CA ILE B 16 22.48 -0.73 -13.36
C ILE B 16 21.12 -1.15 -12.81
N VAL B 17 20.90 -2.47 -12.70
CA VAL B 17 19.63 -2.97 -12.19
C VAL B 17 19.41 -2.55 -10.75
N ASN B 18 20.46 -2.66 -9.92
CA ASN B 18 20.33 -2.26 -8.53
C ASN B 18 20.03 -0.77 -8.41
N SER B 19 20.70 0.05 -9.21
CA SER B 19 20.42 1.49 -9.18
C SER B 19 18.98 1.78 -9.59
N ALA B 20 18.49 1.11 -10.63
CA ALA B 20 17.11 1.31 -11.07
C ALA B 20 16.11 0.89 -9.99
N LEU B 21 16.35 -0.28 -9.38
CA LEU B 21 15.45 -0.75 -8.33
C LEU B 21 15.47 0.17 -7.13
N LYS B 22 16.66 0.66 -6.76
CA LYS B 22 16.78 1.58 -5.63
C LYS B 22 15.99 2.86 -5.88
N LEU B 23 16.16 3.45 -7.08
CA LEU B 23 15.39 4.65 -7.40
C LEU B 23 13.90 4.37 -7.40
N TYR B 24 13.50 3.22 -7.94
CA TYR B 24 12.08 2.84 -7.95
C TYR B 24 11.54 2.76 -6.53
N SER B 25 12.29 2.13 -5.62
CA SER B 25 11.86 1.98 -4.24
C SER B 25 11.83 3.32 -3.51
N GLN B 26 12.58 4.32 -3.97
CA GLN B 26 12.54 5.65 -3.36
C GLN B 26 11.42 6.51 -3.94
N ASP B 27 10.19 6.00 -3.84
CA ASP B 27 8.99 6.70 -4.30
C ASP B 27 9.09 7.04 -5.79
N LYS B 28 9.87 6.26 -6.53
CA LYS B 28 10.06 6.35 -7.97
C LYS B 28 10.79 7.62 -8.41
N THR B 29 11.06 8.54 -7.49
CA THR B 29 11.70 9.80 -7.83
C THR B 29 12.98 10.08 -7.04
N GLY B 30 13.13 9.52 -5.84
CA GLY B 30 14.25 9.89 -5.01
C GLY B 30 14.21 11.31 -4.49
N MET B 31 13.03 11.93 -4.47
CA MET B 31 12.87 13.32 -4.04
C MET B 31 11.81 13.40 -2.96
N VAL B 32 12.06 14.26 -1.97
CA VAL B 32 11.08 14.50 -0.92
C VAL B 32 9.79 15.01 -1.51
N ASP B 33 8.67 14.49 -1.03
CA ASP B 33 7.34 14.98 -1.38
C ASP B 33 6.79 15.73 -0.18
N PHE B 34 6.81 17.06 -0.25
CA PHE B 34 6.34 17.88 0.85
C PHE B 34 4.81 17.96 0.92
N ALA B 35 4.10 17.41 -0.06
CA ALA B 35 2.65 17.31 0.00
C ALA B 35 2.16 15.99 0.57
N LEU B 36 3.03 14.98 0.66
CA LEU B 36 2.62 13.67 1.12
C LEU B 36 1.98 13.75 2.50
N GLU B 37 0.79 13.17 2.64
CA GLU B 37 0.01 13.33 3.87
C GLU B 37 0.74 12.72 5.06
N SER B 38 1.23 11.48 4.91
CA SER B 38 1.87 10.81 6.04
C SER B 38 3.09 11.59 6.52
N GLY B 39 3.71 12.36 5.63
CA GLY B 39 4.84 13.18 6.03
C GLY B 39 4.49 14.53 6.60
N GLY B 40 3.21 14.91 6.57
CA GLY B 40 2.80 16.17 7.16
C GLY B 40 1.93 17.05 6.29
N GLY B 41 1.70 16.65 5.03
CA GLY B 41 0.84 17.42 4.17
C GLY B 41 -0.63 17.23 4.50
N SER B 42 -1.43 18.23 4.14
CA SER B 42 -2.85 18.17 4.43
C SER B 42 -3.62 18.90 3.32
N ILE B 43 -4.88 18.49 3.14
CA ILE B 43 -5.77 19.12 2.18
C ILE B 43 -6.63 20.15 2.91
N LEU B 44 -6.67 21.37 2.40
CA LEU B 44 -7.61 22.40 2.87
C LEU B 44 -8.93 22.16 2.15
N SER B 45 -9.78 21.32 2.76
CA SER B 45 -10.97 20.83 2.08
C SER B 45 -11.91 21.97 1.68
N THR B 46 -12.07 22.98 2.54
CA THR B 46 -12.96 24.10 2.23
C THR B 46 -12.50 24.86 0.99
N ARG B 47 -11.24 24.71 0.58
CA ARG B 47 -10.74 25.36 -0.61
C ARG B 47 -10.58 24.41 -1.79
N CYS B 48 -11.32 23.32 -1.80
CA CYS B 48 -11.29 22.40 -2.92
C CYS B 48 -12.57 22.49 -3.73
N SER B 49 -12.46 22.10 -5.00
CA SER B 49 -13.61 22.07 -5.88
C SER B 49 -14.58 20.98 -5.42
N GLU B 50 -15.79 21.02 -5.97
CA GLU B 50 -16.83 20.11 -5.52
C GLU B 50 -16.49 18.68 -5.92
N THR B 51 -16.66 17.76 -4.98
CA THR B 51 -16.42 16.35 -5.27
C THR B 51 -17.55 15.79 -6.11
N TYR B 52 -17.19 14.99 -7.12
CA TYR B 52 -18.19 14.27 -7.90
C TYR B 52 -18.81 13.19 -7.05
N GLU B 53 -20.06 13.38 -6.64
CA GLU B 53 -20.76 12.38 -5.84
C GLU B 53 -21.78 11.64 -6.69
N THR B 54 -21.47 10.41 -7.03
CA THR B 54 -22.38 9.46 -7.63
C THR B 54 -22.93 8.53 -6.55
N LYS B 55 -24.05 7.87 -6.85
CA LYS B 55 -24.63 6.86 -5.96
C LYS B 55 -24.37 5.44 -6.45
N THR B 56 -23.22 5.20 -7.08
CA THR B 56 -22.93 3.89 -7.67
C THR B 56 -22.05 3.00 -6.80
N ALA B 57 -21.46 3.49 -5.72
CA ALA B 57 -20.64 2.66 -4.84
C ALA B 57 -21.40 2.52 -3.53
N LEU B 58 -22.24 1.49 -3.43
CA LEU B 58 -23.09 1.31 -2.27
C LEU B 58 -22.41 0.41 -1.24
N MET B 59 -22.20 0.95 -0.04
CA MET B 59 -21.71 0.17 1.09
C MET B 59 -22.93 -0.24 1.87
N SER B 60 -22.94 -1.50 2.28
CA SER B 60 -24.05 -2.13 2.95
C SER B 60 -23.53 -2.98 4.08
N LEU B 61 -24.36 -3.16 5.09
CA LEU B 61 -24.02 -3.97 6.26
C LEU B 61 -25.18 -4.92 6.52
N PHE B 62 -24.88 -6.23 6.48
CA PHE B 62 -25.90 -7.28 6.61
C PHE B 62 -27.00 -7.11 5.57
N GLY B 63 -26.63 -6.69 4.36
CA GLY B 63 -27.58 -6.49 3.29
C GLY B 63 -28.36 -5.19 3.39
N ILE B 64 -28.09 -4.36 4.38
CA ILE B 64 -28.80 -3.10 4.58
C ILE B 64 -27.97 -2.00 3.89
N PRO B 65 -28.55 -1.26 2.95
CA PRO B 65 -27.77 -0.16 2.35
C PRO B 65 -27.40 0.84 3.40
N LEU B 66 -26.13 1.23 3.39
CA LEU B 66 -25.59 2.08 4.45
C LEU B 66 -25.13 3.43 3.95
N TRP B 67 -24.20 3.49 2.99
CA TRP B 67 -23.84 4.82 2.48
C TRP B 67 -23.18 4.67 1.12
N TYR B 68 -23.13 5.78 0.39
CA TYR B 68 -22.57 5.82 -0.96
C TYR B 68 -21.14 6.35 -0.89
N PHE B 69 -20.17 5.48 -1.15
CA PHE B 69 -18.76 5.83 -1.02
C PHE B 69 -18.24 6.66 -2.19
N SER B 70 -17.76 7.87 -1.89
CA SER B 70 -16.94 8.69 -2.78
C SER B 70 -15.53 8.81 -2.18
N GLN B 71 -14.61 9.36 -2.96
CA GLN B 71 -13.20 9.47 -2.56
C GLN B 71 -12.91 10.92 -2.19
N SER B 72 -12.18 11.10 -1.08
CA SER B 72 -11.78 12.39 -0.54
C SER B 72 -10.56 12.96 -1.27
N PRO B 73 -10.45 14.29 -1.35
CA PRO B 73 -9.22 14.89 -1.93
C PRO B 73 -7.96 14.42 -1.26
N ARG B 74 -8.05 13.90 -0.03
CA ARG B 74 -6.91 13.33 0.66
C ARG B 74 -6.19 12.29 -0.16
N VAL B 75 -6.91 11.50 -0.97
CA VAL B 75 -6.23 10.45 -1.72
C VAL B 75 -5.21 11.02 -2.69
N VAL B 76 -5.37 12.28 -3.08
CA VAL B 76 -4.43 12.92 -4.01
C VAL B 76 -3.04 13.01 -3.42
N ILE B 77 -2.92 12.97 -2.08
CA ILE B 77 -1.60 13.02 -1.46
C ILE B 77 -1.35 11.69 -0.76
N GLN B 78 -1.89 10.61 -1.34
CA GLN B 78 -1.59 9.28 -0.85
C GLN B 78 -1.03 8.42 -1.98
N PRO B 79 -0.05 7.56 -1.69
CA PRO B 79 0.77 6.98 -2.77
C PRO B 79 0.04 5.92 -3.60
N ASP B 80 -1.03 5.33 -3.11
CA ASP B 80 -1.73 4.27 -3.84
C ASP B 80 -2.34 4.84 -5.13
N ILE B 81 -1.98 4.26 -6.27
CA ILE B 81 -2.53 4.70 -7.55
C ILE B 81 -3.10 3.56 -8.38
N TYR B 82 -3.61 2.52 -7.72
CA TYR B 82 -4.39 1.54 -8.45
C TYR B 82 -5.66 2.20 -8.99
N PRO B 83 -6.18 1.73 -10.12
CA PRO B 83 -7.34 2.42 -10.73
C PRO B 83 -8.48 2.59 -9.73
N GLY B 84 -9.00 3.81 -9.65
CA GLY B 84 -10.05 4.14 -8.72
C GLY B 84 -9.57 4.82 -7.45
N ASN B 85 -8.28 4.71 -7.13
CA ASN B 85 -7.75 5.36 -5.95
C ASN B 85 -7.34 6.80 -6.28
N CYS B 86 -8.36 7.57 -6.67
CA CYS B 86 -8.18 8.93 -7.14
C CYS B 86 -9.36 9.77 -6.68
N TRP B 87 -9.13 11.09 -6.60
CA TRP B 87 -10.19 12.02 -6.24
C TRP B 87 -10.87 12.48 -7.52
N ALA B 88 -12.18 12.27 -7.61
CA ALA B 88 -12.96 12.70 -8.75
C ALA B 88 -13.72 13.96 -8.37
N PHE B 89 -13.42 15.06 -9.04
CA PHE B 89 -14.21 16.26 -8.81
C PHE B 89 -15.12 16.53 -9.99
N LYS B 90 -16.16 17.30 -9.69
CA LYS B 90 -17.25 17.54 -10.62
C LYS B 90 -16.78 18.43 -11.76
N GLY B 91 -17.18 18.07 -12.98
CA GLY B 91 -16.87 18.83 -14.17
C GLY B 91 -15.48 18.53 -14.72
N SER B 92 -15.02 19.42 -15.60
CA SER B 92 -13.74 19.23 -16.27
C SER B 92 -12.70 20.28 -15.90
N GLN B 93 -12.99 21.16 -14.95
CA GLN B 93 -12.00 22.09 -14.41
C GLN B 93 -12.25 22.23 -12.91
N GLY B 94 -11.19 22.38 -12.14
CA GLY B 94 -11.34 22.40 -10.70
C GLY B 94 -10.06 22.85 -10.03
N TYR B 95 -10.05 22.76 -8.71
CA TYR B 95 -8.88 23.19 -7.96
C TYR B 95 -8.75 22.44 -6.65
N LEU B 96 -7.52 22.38 -6.16
CA LEU B 96 -7.14 21.68 -4.95
C LEU B 96 -6.13 22.54 -4.21
N VAL B 97 -6.26 22.64 -2.89
CA VAL B 97 -5.32 23.42 -2.10
C VAL B 97 -4.65 22.49 -1.09
N VAL B 98 -3.31 22.49 -1.08
CA VAL B 98 -2.53 21.59 -0.26
C VAL B 98 -1.64 22.44 0.64
N ARG B 99 -1.65 22.13 1.94
CA ARG B 99 -0.72 22.70 2.89
C ARG B 99 0.45 21.73 3.05
N LEU B 100 1.65 22.21 2.75
CA LEU B 100 2.85 21.39 2.76
C LEU B 100 3.33 21.13 4.19
N SER B 101 4.12 20.08 4.34
CA SER B 101 4.66 19.75 5.65
C SER B 101 5.72 20.75 6.10
N MET B 102 6.29 21.52 5.18
CA MET B 102 7.36 22.44 5.53
C MET B 102 7.25 23.69 4.65
N MET B 103 7.83 24.77 5.13
CA MET B 103 7.97 25.98 4.33
C MET B 103 9.15 25.79 3.38
N ILE B 104 8.88 25.76 2.07
CA ILE B 104 9.91 25.41 1.10
C ILE B 104 9.93 26.42 -0.03
N HIS B 105 11.08 26.47 -0.71
CA HIS B 105 11.15 27.07 -2.05
C HIS B 105 10.77 25.97 -3.03
N PRO B 106 9.64 26.06 -3.71
CA PRO B 106 9.22 24.97 -4.59
C PRO B 106 10.07 24.90 -5.84
N ALA B 107 10.55 23.70 -6.15
CA ALA B 107 11.38 23.46 -7.32
C ALA B 107 10.66 22.73 -8.43
N ALA B 108 9.84 21.73 -8.11
CA ALA B 108 9.18 20.95 -9.15
C ALA B 108 7.88 20.37 -8.60
N PHE B 109 7.07 19.85 -9.51
CA PHE B 109 5.82 19.19 -9.16
C PHE B 109 5.72 17.90 -9.96
N THR B 110 4.96 16.95 -9.42
CA THR B 110 4.76 15.67 -10.09
C THR B 110 3.28 15.36 -10.15
N LEU B 111 2.81 14.91 -11.31
CA LEU B 111 1.45 14.39 -11.45
C LEU B 111 1.52 12.95 -11.93
N GLU B 112 0.74 12.09 -11.29
CA GLU B 112 0.63 10.70 -11.71
C GLU B 112 -0.81 10.39 -12.10
N HIS B 113 -0.96 9.58 -13.14
CA HIS B 113 -2.24 9.04 -13.56
C HIS B 113 -2.02 7.62 -14.01
N ILE B 114 -3.08 6.81 -13.97
CA ILE B 114 -2.95 5.42 -14.37
C ILE B 114 -2.61 5.35 -15.85
N PRO B 115 -1.83 4.36 -16.28
CA PRO B 115 -1.62 4.17 -17.72
C PRO B 115 -2.88 3.68 -18.40
N LYS B 116 -3.00 3.99 -19.69
CA LYS B 116 -4.16 3.51 -20.45
C LYS B 116 -4.28 1.99 -20.40
N THR B 117 -3.15 1.29 -20.27
CA THR B 117 -3.16 -0.16 -20.30
C THR B 117 -3.84 -0.77 -19.07
N LEU B 118 -4.00 0.00 -18.00
CA LEU B 118 -4.69 -0.47 -16.81
C LEU B 118 -6.08 0.14 -16.67
N SER B 119 -6.47 1.02 -17.58
CA SER B 119 -7.78 1.65 -17.49
C SER B 119 -8.83 0.73 -18.11
N PRO B 120 -9.90 0.39 -17.38
CA PRO B 120 -10.92 -0.49 -17.95
C PRO B 120 -11.53 0.03 -19.23
N THR B 121 -11.66 1.35 -19.37
CA THR B 121 -12.34 1.96 -20.51
C THR B 121 -11.47 2.08 -21.75
N GLY B 122 -10.17 1.80 -21.65
CA GLY B 122 -9.25 1.97 -22.76
C GLY B 122 -8.69 3.38 -22.91
N ASN B 123 -9.23 4.35 -22.19
CA ASN B 123 -8.79 5.74 -22.27
C ASN B 123 -8.60 6.32 -20.88
N ILE B 124 -7.91 7.45 -20.83
CA ILE B 124 -7.72 8.19 -19.59
C ILE B 124 -8.33 9.58 -19.75
N SER B 125 -9.46 9.65 -20.46
CA SER B 125 -10.12 10.93 -20.72
C SER B 125 -10.43 11.72 -19.46
N SER B 126 -10.45 11.07 -18.30
CA SER B 126 -10.66 11.76 -17.03
C SER B 126 -9.40 12.37 -16.44
N ALA B 127 -8.24 12.16 -17.07
CA ALA B 127 -7.00 12.69 -16.52
C ALA B 127 -6.95 14.20 -16.65
N PRO B 128 -6.28 14.89 -15.72
CA PRO B 128 -6.08 16.34 -15.88
C PRO B 128 -5.29 16.60 -17.15
N LYS B 129 -5.63 17.69 -17.83
CA LYS B 129 -4.90 18.09 -19.04
C LYS B 129 -4.16 19.40 -18.84
N ASP B 130 -4.86 20.51 -18.65
CA ASP B 130 -4.22 21.81 -18.54
C ASP B 130 -4.30 22.26 -17.10
N PHE B 131 -3.14 22.57 -16.50
CA PHE B 131 -3.12 22.93 -15.09
C PHE B 131 -2.03 23.94 -14.81
N ALA B 132 -2.13 24.56 -13.64
CA ALA B 132 -1.17 25.53 -13.15
C ALA B 132 -1.03 25.35 -11.65
N VAL B 133 0.14 25.76 -11.14
CA VAL B 133 0.44 25.65 -9.71
C VAL B 133 0.82 27.03 -9.21
N TYR B 134 0.21 27.42 -8.09
CA TYR B 134 0.37 28.71 -7.45
C TYR B 134 0.80 28.53 -6.00
N GLY B 135 1.58 29.47 -5.49
CA GLY B 135 1.94 29.51 -4.08
C GLY B 135 1.14 30.55 -3.33
N LEU B 136 0.72 30.20 -2.12
CA LEU B 136 -0.11 31.05 -1.27
C LEU B 136 0.61 31.28 0.06
N GLU B 137 0.58 32.52 0.54
CA GLU B 137 1.24 32.88 1.79
C GLU B 137 0.37 32.66 3.02
N ASN B 138 -0.96 32.69 2.87
CA ASN B 138 -1.87 32.38 3.95
C ASN B 138 -3.07 31.64 3.37
N GLU B 139 -3.75 30.88 4.22
CA GLU B 139 -4.84 30.06 3.71
C GLU B 139 -6.04 30.87 3.24
N TYR B 140 -6.11 32.15 3.59
CA TYR B 140 -7.23 33.00 3.22
C TYR B 140 -6.97 33.83 1.97
N GLN B 141 -5.78 33.71 1.38
CA GLN B 141 -5.43 34.50 0.22
C GLN B 141 -5.99 33.87 -1.05
N GLU B 142 -6.62 34.70 -1.89
CA GLU B 142 -7.24 34.21 -3.12
C GLU B 142 -6.24 34.14 -4.27
N GLU B 143 -5.44 35.19 -4.45
CA GLU B 143 -4.48 35.24 -5.55
C GLU B 143 -3.09 34.86 -5.05
N GLY B 144 -2.53 33.79 -5.61
CA GLY B 144 -1.19 33.36 -5.31
C GLY B 144 -0.19 33.76 -6.38
N GLN B 145 1.06 33.42 -6.13
CA GLN B 145 2.15 33.63 -7.09
C GLN B 145 2.21 32.44 -8.02
N LEU B 146 2.14 32.68 -9.32
CA LEU B 146 2.18 31.60 -10.29
C LEU B 146 3.52 30.88 -10.19
N LEU B 147 3.47 29.58 -9.88
CA LEU B 147 4.66 28.75 -9.87
C LEU B 147 4.84 27.98 -11.18
N GLY B 148 3.78 27.85 -11.98
CA GLY B 148 3.96 27.31 -13.31
C GLY B 148 2.70 26.92 -14.05
N GLN B 149 2.76 26.94 -15.38
CA GLN B 149 1.68 26.47 -16.25
C GLN B 149 2.17 25.26 -17.02
N PHE B 150 1.39 24.19 -17.01
CA PHE B 150 1.81 22.91 -17.56
C PHE B 150 0.63 22.20 -18.19
N THR B 151 0.95 21.19 -19.00
CA THR B 151 -0.03 20.26 -19.53
C THR B 151 0.39 18.83 -19.21
N TYR B 152 -0.52 18.05 -18.64
CA TYR B 152 -0.29 16.62 -18.46
C TYR B 152 -0.58 15.92 -19.78
N ASP B 153 0.41 15.16 -20.27
CA ASP B 153 0.36 14.58 -21.61
C ASP B 153 -0.24 13.18 -21.56
N GLN B 154 -1.40 12.99 -22.19
CA GLN B 154 -2.05 11.70 -22.16
C GLN B 154 -1.25 10.62 -22.89
N ASP B 155 -0.40 11.00 -23.84
CA ASP B 155 0.46 10.04 -24.52
C ASP B 155 1.83 9.92 -23.88
N GLY B 156 2.05 10.54 -22.73
CA GLY B 156 3.31 10.46 -22.03
C GLY B 156 3.33 9.37 -20.99
N GLU B 157 4.35 9.41 -20.14
CA GLU B 157 4.48 8.41 -19.10
C GLU B 157 3.44 8.62 -18.01
N SER B 158 3.23 7.57 -17.22
CA SER B 158 2.26 7.63 -16.12
C SER B 158 2.64 8.73 -15.13
N LEU B 159 3.90 8.76 -14.73
CA LEU B 159 4.42 9.78 -13.82
C LEU B 159 5.09 10.86 -14.64
N GLN B 160 4.70 12.12 -14.42
CA GLN B 160 5.30 13.23 -15.15
C GLN B 160 5.72 14.31 -14.17
N MET B 161 6.93 14.84 -14.36
CA MET B 161 7.47 15.92 -13.54
C MET B 161 7.54 17.22 -14.34
N PHE B 162 7.38 18.33 -13.61
CA PHE B 162 7.30 19.65 -14.20
C PHE B 162 8.14 20.61 -13.36
N GLN B 163 9.00 21.39 -14.02
CA GLN B 163 9.91 22.29 -13.32
C GLN B 163 9.23 23.62 -13.05
N ALA B 164 9.33 24.10 -11.81
CA ALA B 164 8.73 25.36 -11.44
C ALA B 164 9.49 26.51 -12.09
N LEU B 165 8.79 27.63 -12.25
CA LEU B 165 9.40 28.80 -12.86
C LEU B 165 10.53 29.33 -12.00
N LYS B 166 11.60 29.76 -12.66
CA LYS B 166 12.73 30.36 -11.97
C LYS B 166 12.41 31.83 -11.70
N ARG B 167 12.33 32.21 -10.43
CA ARG B 167 12.09 33.62 -10.16
C ARG B 167 13.34 34.25 -9.55
N PRO B 168 13.69 35.49 -9.93
CA PRO B 168 14.84 36.14 -9.29
C PRO B 168 14.75 36.18 -7.78
N ASP B 169 13.54 36.34 -7.22
CA ASP B 169 13.32 36.31 -5.79
C ASP B 169 12.75 34.95 -5.39
N ASP B 170 13.51 34.18 -4.63
CA ASP B 170 13.08 32.86 -4.18
C ASP B 170 12.22 33.04 -2.92
N THR B 171 10.92 33.20 -3.12
CA THR B 171 9.97 33.26 -2.02
C THR B 171 9.51 31.86 -1.64
N ALA B 172 9.46 31.59 -0.33
CA ALA B 172 9.07 30.28 0.18
C ALA B 172 7.57 30.19 0.37
N PHE B 173 7.04 28.97 0.30
CA PHE B 173 5.62 28.71 0.47
C PHE B 173 5.41 27.45 1.29
N GLN B 174 4.30 27.41 2.03
CA GLN B 174 3.82 26.20 2.64
C GLN B 174 2.40 25.85 2.21
N ILE B 175 1.80 26.63 1.32
CA ILE B 175 0.49 26.35 0.76
C ILE B 175 0.61 26.49 -0.76
N VAL B 176 0.15 25.48 -1.48
CA VAL B 176 0.11 25.55 -2.93
C VAL B 176 -1.29 25.23 -3.40
N GLU B 177 -1.70 25.90 -4.46
CA GLU B 177 -2.98 25.66 -5.10
C GLU B 177 -2.71 25.07 -6.47
N LEU B 178 -3.33 23.93 -6.74
CA LEU B 178 -3.30 23.30 -8.05
C LEU B 178 -4.62 23.61 -8.73
N ARG B 179 -4.56 24.31 -9.86
CA ARG B 179 -5.73 24.61 -10.65
C ARG B 179 -5.69 23.75 -11.91
N ILE B 180 -6.71 22.93 -12.10
CA ILE B 180 -6.85 22.13 -13.31
C ILE B 180 -7.78 22.92 -14.21
N PHE B 181 -7.26 23.42 -15.32
CA PHE B 181 -8.07 24.15 -16.28
C PHE B 181 -8.78 23.26 -17.28
N SER B 182 -8.27 22.05 -17.52
CA SER B 182 -9.00 21.16 -18.40
C SER B 182 -8.57 19.72 -18.15
N ASN B 183 -9.46 18.80 -18.52
CA ASN B 183 -9.20 17.36 -18.52
C ASN B 183 -9.12 16.86 -19.96
N TRP B 184 -9.00 15.54 -20.11
CA TRP B 184 -8.81 14.94 -21.42
C TRP B 184 -10.11 14.44 -22.04
N GLY B 185 -11.23 15.07 -21.71
CA GLY B 185 -12.46 14.88 -22.47
C GLY B 185 -13.60 14.23 -21.72
N HIS B 186 -13.38 13.72 -20.53
CA HIS B 186 -14.49 13.08 -19.81
C HIS B 186 -15.55 14.12 -19.47
N PRO B 187 -16.82 13.87 -19.78
CA PRO B 187 -17.84 14.93 -19.64
C PRO B 187 -18.36 15.09 -18.22
N GLU B 188 -18.11 14.14 -17.33
CA GLU B 188 -18.73 14.14 -16.01
C GLU B 188 -17.80 14.61 -14.90
N TYR B 189 -16.54 14.19 -14.93
CA TYR B 189 -15.66 14.43 -13.78
C TYR B 189 -14.21 14.40 -14.24
N THR B 190 -13.33 14.78 -13.30
CA THR B 190 -11.90 14.70 -13.50
C THR B 190 -11.27 13.97 -12.32
N CYS B 191 -10.31 13.08 -12.62
CA CYS B 191 -9.73 12.18 -11.63
C CYS B 191 -8.27 12.53 -11.42
N LEU B 192 -7.90 12.80 -10.17
CA LEU B 192 -6.52 13.07 -9.79
C LEU B 192 -6.02 11.89 -8.96
N TYR B 193 -4.94 11.26 -9.41
CA TYR B 193 -4.41 10.13 -8.66
C TYR B 193 -3.37 10.55 -7.62
N ARG B 194 -2.37 11.34 -8.02
CA ARG B 194 -1.42 11.85 -7.05
C ARG B 194 -0.72 13.09 -7.57
N PHE B 195 -0.50 14.03 -6.66
CA PHE B 195 0.21 15.29 -6.90
C PHE B 195 1.29 15.44 -5.84
N ARG B 196 2.51 15.71 -6.28
CA ARG B 196 3.65 15.86 -5.38
C ARG B 196 4.29 17.22 -5.59
N VAL B 197 4.88 17.73 -4.51
CA VAL B 197 5.57 19.02 -4.50
C VAL B 197 6.99 18.80 -4.02
N HIS B 198 7.97 19.24 -4.81
CA HIS B 198 9.38 19.10 -4.49
C HIS B 198 10.03 20.47 -4.41
N GLY B 199 10.99 20.60 -3.50
CA GLY B 199 11.67 21.86 -3.32
C GLY B 199 12.68 21.79 -2.21
N GLU B 200 13.11 22.96 -1.75
CA GLU B 200 14.16 23.06 -0.75
C GLU B 200 13.62 23.67 0.53
N PRO B 201 13.81 23.02 1.67
CA PRO B 201 13.34 23.60 2.93
C PRO B 201 14.12 24.86 3.28
N VAL B 202 13.48 25.73 4.06
CA VAL B 202 14.13 26.97 4.49
C VAL B 202 14.99 26.70 5.72
N THR C 9 24.64 -12.44 -24.06
CA THR C 9 24.51 -11.50 -22.95
C THR C 9 23.09 -11.04 -22.75
N GLU C 10 22.30 -10.89 -23.82
CA GLU C 10 20.94 -10.39 -23.65
C GLU C 10 20.10 -11.30 -22.77
N ALA C 11 20.18 -12.61 -23.01
CA ALA C 11 19.44 -13.55 -22.17
C ALA C 11 19.93 -13.50 -20.73
N GLN C 12 21.24 -13.38 -20.53
CA GLN C 12 21.80 -13.27 -19.18
C GLN C 12 21.32 -12.00 -18.48
N ALA C 13 21.27 -10.88 -19.22
CA ALA C 13 20.79 -9.63 -18.66
C ALA C 13 19.31 -9.72 -18.29
N ARG C 14 18.51 -10.34 -19.16
CA ARG C 14 17.11 -10.52 -18.85
C ARG C 14 16.94 -11.39 -17.60
N ALA C 15 17.79 -12.42 -17.47
CA ALA C 15 17.73 -13.27 -16.28
C ALA C 15 18.10 -12.50 -15.01
N ILE C 16 19.14 -11.66 -15.09
CA ILE C 16 19.53 -10.87 -13.92
C ILE C 16 18.41 -9.92 -13.53
N VAL C 17 17.80 -9.25 -14.51
CA VAL C 17 16.73 -8.31 -14.21
C VAL C 17 15.53 -9.04 -13.61
N ASN C 18 15.17 -10.21 -14.17
CA ASN C 18 14.06 -10.97 -13.64
C ASN C 18 14.35 -11.44 -12.21
N SER C 19 15.57 -11.89 -11.95
CA SER C 19 15.94 -12.31 -10.61
C SER C 19 15.84 -11.16 -9.61
N ALA C 20 16.34 -9.98 -10.01
CA ALA C 20 16.28 -8.83 -9.13
C ALA C 20 14.84 -8.44 -8.83
N LEU C 21 13.97 -8.43 -9.86
CA LEU C 21 12.58 -8.08 -9.65
C LEU C 21 11.88 -9.12 -8.77
N LYS C 22 12.19 -10.40 -8.96
CA LYS C 22 11.59 -11.45 -8.14
C LYS C 22 11.95 -11.26 -6.68
N LEU C 23 13.23 -11.05 -6.40
CA LEU C 23 13.65 -10.81 -5.02
C LEU C 23 12.99 -9.56 -4.45
N TYR C 24 12.92 -8.49 -5.25
CA TYR C 24 12.29 -7.25 -4.81
C TYR C 24 10.82 -7.49 -4.45
N SER C 25 10.10 -8.23 -5.30
CA SER C 25 8.70 -8.51 -5.05
C SER C 25 8.49 -9.42 -3.85
N GLN C 26 9.50 -10.22 -3.48
CA GLN C 26 9.37 -11.06 -2.29
C GLN C 26 9.83 -10.31 -1.04
N ASP C 27 9.15 -9.19 -0.79
CA ASP C 27 9.41 -8.35 0.39
C ASP C 27 10.86 -7.92 0.46
N LYS C 28 11.51 -7.83 -0.70
CA LYS C 28 12.88 -7.37 -0.87
C LYS C 28 13.93 -8.31 -0.27
N THR C 29 13.49 -9.36 0.42
CA THR C 29 14.42 -10.26 1.10
C THR C 29 14.28 -11.73 0.69
N GLY C 30 13.11 -12.16 0.24
CA GLY C 30 12.90 -13.57 0.02
C GLY C 30 12.92 -14.41 1.28
N MET C 31 12.72 -13.79 2.44
CA MET C 31 12.77 -14.49 3.71
C MET C 31 11.51 -14.19 4.50
N VAL C 32 11.00 -15.21 5.20
CA VAL C 32 9.85 -15.03 6.07
C VAL C 32 10.17 -13.97 7.11
N ASP C 33 9.21 -13.07 7.34
CA ASP C 33 9.28 -12.13 8.45
C ASP C 33 8.30 -12.62 9.51
N PHE C 34 8.83 -13.23 10.56
CA PHE C 34 7.99 -13.77 11.61
C PHE C 34 7.42 -12.68 12.51
N ALA C 35 7.85 -11.43 12.34
CA ALA C 35 7.26 -10.32 13.07
C ALA C 35 6.13 -9.65 12.31
N LEU C 36 5.99 -9.91 11.01
CA LEU C 36 4.97 -9.23 10.20
C LEU C 36 3.59 -9.43 10.80
N GLU C 37 2.88 -8.32 11.03
CA GLU C 37 1.61 -8.39 11.73
C GLU C 37 0.57 -9.19 10.96
N SER C 38 0.43 -8.91 9.67
CA SER C 38 -0.58 -9.60 8.88
C SER C 38 -0.30 -11.10 8.83
N GLY C 39 0.96 -11.50 8.96
CA GLY C 39 1.34 -12.90 8.96
C GLY C 39 1.24 -13.61 10.28
N GLY C 40 0.93 -12.90 11.36
CA GLY C 40 0.75 -13.54 12.65
C GLY C 40 1.51 -12.89 13.79
N GLY C 41 2.37 -11.92 13.48
CA GLY C 41 3.08 -11.21 14.52
C GLY C 41 2.21 -10.19 15.22
N SER C 42 2.58 -9.85 16.45
CA SER C 42 1.79 -8.91 17.23
C SER C 42 2.70 -8.09 18.14
N ILE C 43 2.27 -6.87 18.44
CA ILE C 43 3.00 -6.00 19.35
C ILE C 43 2.42 -6.20 20.74
N LEU C 44 3.27 -6.56 21.69
CA LEU C 44 2.86 -6.61 23.09
C LEU C 44 3.01 -5.20 23.65
N SER C 45 1.97 -4.39 23.38
CA SER C 45 2.06 -2.95 23.67
C SER C 45 2.25 -2.68 25.15
N THR C 46 1.66 -3.52 26.01
CA THR C 46 1.82 -3.36 27.45
C THR C 46 3.29 -3.43 27.87
N ARG C 47 4.14 -4.04 27.05
CA ARG C 47 5.56 -4.17 27.36
C ARG C 47 6.43 -3.28 26.47
N CYS C 48 5.87 -2.24 25.88
CA CYS C 48 6.63 -1.35 25.02
C CYS C 48 6.86 -0.02 25.70
N SER C 49 7.92 0.67 25.29
CA SER C 49 8.14 2.00 25.86
C SER C 49 7.05 2.94 25.36
N GLU C 50 6.91 4.05 26.08
CA GLU C 50 5.77 4.93 25.84
C GLU C 50 5.92 5.67 24.52
N THR C 51 4.80 5.83 23.82
CA THR C 51 4.79 6.50 22.53
C THR C 51 5.06 7.99 22.72
N TYR C 52 5.78 8.56 21.76
CA TYR C 52 6.09 9.98 21.77
C TYR C 52 4.84 10.86 21.84
N GLU C 53 4.93 11.88 22.68
CA GLU C 53 3.85 12.81 22.96
C GLU C 53 3.96 13.95 21.95
N THR C 54 2.99 14.07 21.06
CA THR C 54 2.98 15.19 20.13
C THR C 54 2.38 16.42 20.79
N LYS C 55 3.06 17.56 20.61
CA LYS C 55 2.62 18.86 21.12
C LYS C 55 1.10 19.02 21.10
N THR C 56 0.47 18.79 19.96
CA THR C 56 -0.97 18.96 19.82
C THR C 56 -1.66 17.59 19.93
N ALA C 57 -2.96 17.63 20.20
CA ALA C 57 -3.77 16.43 20.33
C ALA C 57 -4.69 16.30 19.12
N LEU C 58 -5.30 15.12 19.00
CA LEU C 58 -6.13 14.84 17.83
C LEU C 58 -7.59 15.22 18.08
N MET C 59 -8.19 14.69 19.14
CA MET C 59 -9.57 15.01 19.47
C MET C 59 -9.67 16.02 20.61
N SER C 60 -10.90 16.50 20.81
CA SER C 60 -11.30 17.22 22.00
C SER C 60 -12.67 16.68 22.37
N LEU C 61 -12.85 16.38 23.66
CA LEU C 61 -14.10 15.84 24.16
C LEU C 61 -14.43 16.51 25.48
N PHE C 62 -15.60 17.15 25.54
CA PHE C 62 -16.03 17.89 26.73
C PHE C 62 -15.00 18.94 27.13
N GLY C 63 -14.36 19.54 26.12
CA GLY C 63 -13.34 20.54 26.32
C GLY C 63 -11.96 20.02 26.69
N ILE C 64 -11.79 18.71 26.81
CA ILE C 64 -10.51 18.11 27.18
C ILE C 64 -9.83 17.59 25.91
N PRO C 65 -8.63 18.07 25.57
CA PRO C 65 -7.92 17.50 24.42
C PRO C 65 -7.48 16.06 24.67
N LEU C 66 -7.70 15.20 23.67
CA LEU C 66 -7.39 13.78 23.75
C LEU C 66 -6.48 13.37 22.59
N TRP C 67 -5.74 12.27 22.83
CA TRP C 67 -4.88 11.62 21.83
C TRP C 67 -3.69 12.45 21.35
N TYR C 68 -2.64 12.55 22.17
CA TYR C 68 -1.43 13.28 21.82
C TYR C 68 -0.38 12.34 21.23
N PHE C 69 -0.69 11.74 20.08
CA PHE C 69 0.20 10.75 19.49
C PHE C 69 0.04 10.77 17.98
N SER C 70 1.06 10.32 17.26
CA SER C 70 0.96 10.14 15.82
C SER C 70 0.72 8.69 15.41
N GLN C 71 1.66 7.80 15.68
CA GLN C 71 1.57 6.42 15.19
C GLN C 71 1.67 5.41 16.31
N SER C 72 0.88 4.36 16.19
CA SER C 72 0.91 3.23 17.12
C SER C 72 2.11 2.34 16.82
N PRO C 73 2.66 1.67 17.85
CA PRO C 73 3.77 0.74 17.61
C PRO C 73 3.47 -0.32 16.57
N ARG C 74 2.19 -0.57 16.29
CA ARG C 74 1.83 -1.56 15.28
C ARG C 74 2.51 -1.27 13.95
N VAL C 75 2.72 0.02 13.63
CA VAL C 75 3.27 0.32 12.31
C VAL C 75 4.66 -0.29 12.13
N VAL C 76 5.37 -0.55 13.23
CA VAL C 76 6.71 -1.12 13.13
C VAL C 76 6.70 -2.50 12.48
N ILE C 77 5.57 -3.21 12.52
CA ILE C 77 5.52 -4.52 11.89
C ILE C 77 4.55 -4.48 10.72
N GLN C 78 4.48 -3.32 10.06
CA GLN C 78 3.71 -3.20 8.84
C GLN C 78 4.59 -2.67 7.71
N PRO C 79 4.42 -3.17 6.47
CA PRO C 79 5.44 -2.96 5.44
C PRO C 79 5.51 -1.55 4.89
N ASP C 80 4.46 -0.73 5.02
CA ASP C 80 4.50 0.62 4.49
C ASP C 80 5.56 1.43 5.24
N ILE C 81 6.51 2.01 4.49
CA ILE C 81 7.55 2.83 5.11
C ILE C 81 7.66 4.18 4.40
N TYR C 82 6.55 4.69 3.89
CA TYR C 82 6.54 6.07 3.43
C TYR C 82 6.79 6.98 4.64
N PRO C 83 7.44 8.12 4.42
CA PRO C 83 7.83 8.98 5.55
C PRO C 83 6.65 9.30 6.47
N GLY C 84 6.87 9.11 7.77
CA GLY C 84 5.86 9.31 8.78
C GLY C 84 5.15 8.05 9.26
N ASN C 85 5.20 6.97 8.48
CA ASN C 85 4.58 5.72 8.88
C ASN C 85 5.55 4.91 9.74
N CYS C 86 5.89 5.51 10.88
CA CYS C 86 6.86 4.94 11.80
C CYS C 86 6.41 5.23 13.22
N TRP C 87 6.86 4.41 14.16
CA TRP C 87 6.55 4.58 15.57
C TRP C 87 7.63 5.43 16.24
N ALA C 88 7.21 6.53 16.85
CA ALA C 88 8.12 7.45 17.53
C ALA C 88 7.98 7.27 19.04
N PHE C 89 9.10 6.95 19.70
CA PHE C 89 9.14 6.94 21.15
C PHE C 89 9.99 8.09 21.65
N LYS C 90 9.76 8.48 22.90
CA LYS C 90 10.41 9.67 23.44
C LYS C 90 11.90 9.43 23.66
N GLY C 91 12.71 10.41 23.26
CA GLY C 91 14.13 10.34 23.53
C GLY C 91 14.89 9.47 22.53
N SER C 92 16.09 9.05 22.96
CA SER C 92 16.97 8.27 22.12
C SER C 92 17.16 6.85 22.63
N GLN C 93 16.37 6.42 23.62
CA GLN C 93 16.41 5.05 24.11
C GLN C 93 14.99 4.53 24.29
N GLY C 94 14.78 3.27 23.92
CA GLY C 94 13.44 2.70 24.04
C GLY C 94 13.48 1.21 23.76
N TYR C 95 12.29 0.60 23.80
CA TYR C 95 12.21 -0.83 23.54
C TYR C 95 10.84 -1.18 22.98
N LEU C 96 10.81 -2.30 22.26
CA LEU C 96 9.63 -2.81 21.59
C LEU C 96 9.60 -4.32 21.77
N VAL C 97 8.44 -4.87 22.09
CA VAL C 97 8.30 -6.31 22.31
C VAL C 97 7.33 -6.89 21.29
N VAL C 98 7.78 -7.91 20.57
CA VAL C 98 7.02 -8.52 19.48
C VAL C 98 6.84 -9.99 19.77
N ARG C 99 5.61 -10.47 19.58
CA ARG C 99 5.31 -11.90 19.58
C ARG C 99 5.30 -12.38 18.14
N LEU C 100 6.14 -13.37 17.84
CA LEU C 100 6.31 -13.85 16.47
C LEU C 100 5.15 -14.74 16.05
N SER C 101 5.02 -14.92 14.73
CA SER C 101 3.96 -15.77 14.20
C SER C 101 4.17 -17.24 14.51
N MET C 102 5.41 -17.63 14.80
CA MET C 102 5.75 -19.02 15.12
C MET C 102 6.90 -19.04 16.10
N MET C 103 7.05 -20.17 16.78
CA MET C 103 8.21 -20.44 17.61
C MET C 103 9.39 -20.79 16.70
N ILE C 104 10.44 -19.95 16.72
CA ILE C 104 11.55 -20.09 15.79
C ILE C 104 12.88 -20.00 16.52
N HIS C 105 13.91 -20.53 15.86
CA HIS C 105 15.29 -20.19 16.19
C HIS C 105 15.65 -18.97 15.36
N PRO C 106 15.91 -17.82 15.99
CA PRO C 106 16.16 -16.59 15.21
C PRO C 106 17.51 -16.62 14.51
N ALA C 107 17.51 -16.29 13.22
CA ALA C 107 18.71 -16.27 12.41
C ALA C 107 19.19 -14.86 12.07
N ALA C 108 18.28 -13.94 11.77
CA ALA C 108 18.68 -12.60 11.40
C ALA C 108 17.56 -11.63 11.74
N PHE C 109 17.89 -10.34 11.67
CA PHE C 109 16.92 -9.28 11.90
C PHE C 109 17.11 -8.21 10.83
N THR C 110 16.04 -7.46 10.58
CA THR C 110 16.09 -6.41 9.59
C THR C 110 15.55 -5.11 10.17
N LEU C 111 16.26 -4.01 9.92
CA LEU C 111 15.80 -2.68 10.27
C LEU C 111 15.71 -1.84 9.02
N GLU C 112 14.60 -1.13 8.85
CA GLU C 112 14.42 -0.23 7.74
C GLU C 112 14.18 1.19 8.25
N HIS C 113 14.73 2.16 7.54
CA HIS C 113 14.47 3.58 7.77
C HIS C 113 14.43 4.27 6.42
N ILE C 114 13.78 5.43 6.37
CA ILE C 114 13.69 6.15 5.10
C ILE C 114 15.09 6.61 4.71
N PRO C 115 15.40 6.67 3.42
CA PRO C 115 16.69 7.23 3.00
C PRO C 115 16.75 8.72 3.26
N LYS C 116 17.98 9.24 3.42
CA LYS C 116 18.14 10.67 3.61
C LYS C 116 17.51 11.45 2.47
N THR C 117 17.48 10.87 1.27
CA THR C 117 16.96 11.57 0.10
C THR C 117 15.46 11.81 0.18
N LEU C 118 14.73 11.09 1.04
CA LEU C 118 13.29 11.28 1.21
C LEU C 118 12.93 11.99 2.51
N SER C 119 13.91 12.34 3.34
CA SER C 119 13.64 12.99 4.61
C SER C 119 13.43 14.48 4.39
N PRO C 120 12.33 15.07 4.86
CA PRO C 120 12.12 16.51 4.67
C PRO C 120 13.24 17.38 5.23
N THR C 121 13.84 16.99 6.35
CA THR C 121 14.88 17.79 6.99
C THR C 121 16.25 17.59 6.38
N GLY C 122 16.41 16.65 5.46
CA GLY C 122 17.71 16.32 4.90
C GLY C 122 18.51 15.32 5.69
N ASN C 123 18.07 14.95 6.89
CA ASN C 123 18.80 14.02 7.73
C ASN C 123 17.85 12.95 8.26
N ILE C 124 18.43 11.87 8.75
CA ILE C 124 17.67 10.81 9.39
C ILE C 124 18.12 10.69 10.84
N SER C 125 18.41 11.84 11.45
CA SER C 125 18.88 11.88 12.83
C SER C 125 17.94 11.18 13.80
N SER C 126 16.68 11.01 13.43
CA SER C 126 15.72 10.27 14.25
C SER C 126 15.81 8.77 14.06
N ALA C 127 16.65 8.30 13.14
CA ALA C 127 16.77 6.87 12.91
C ALA C 127 17.48 6.21 14.10
N PRO C 128 17.14 4.96 14.41
CA PRO C 128 17.88 4.26 15.46
C PRO C 128 19.34 4.09 15.07
N LYS C 129 20.22 4.17 16.07
CA LYS C 129 21.64 3.96 15.83
C LYS C 129 22.16 2.71 16.51
N ASP C 130 22.15 2.64 17.84
CA ASP C 130 22.69 1.51 18.56
C ASP C 130 21.54 0.72 19.16
N PHE C 131 21.48 -0.59 18.84
CA PHE C 131 20.37 -1.41 19.28
C PHE C 131 20.83 -2.83 19.53
N ALA C 132 19.98 -3.59 20.21
CA ALA C 132 20.21 -4.99 20.51
C ALA C 132 18.88 -5.73 20.44
N VAL C 133 18.98 -7.04 20.20
CA VAL C 133 17.83 -7.91 20.07
C VAL C 133 17.96 -9.06 21.07
N TYR C 134 16.88 -9.30 21.81
CA TYR C 134 16.82 -10.31 22.86
C TYR C 134 15.66 -11.25 22.61
N GLY C 135 15.84 -12.51 23.01
CA GLY C 135 14.78 -13.49 22.99
C GLY C 135 14.23 -13.69 24.39
N LEU C 136 12.91 -13.80 24.48
CA LEU C 136 12.20 -13.93 25.74
C LEU C 136 11.36 -15.19 25.74
N GLU C 137 11.40 -15.92 26.85
CA GLU C 137 10.61 -17.14 26.99
C GLU C 137 9.19 -16.86 27.46
N ASN C 138 9.02 -15.73 28.14
CA ASN C 138 7.71 -15.21 28.54
C ASN C 138 7.81 -13.70 28.43
N GLU C 139 6.67 -13.04 28.16
CA GLU C 139 6.76 -11.60 27.92
C GLU C 139 7.06 -10.82 29.19
N TYR C 140 6.89 -11.43 30.36
CA TYR C 140 7.10 -10.76 31.63
C TYR C 140 8.43 -11.08 32.29
N GLN C 141 9.33 -11.81 31.63
CA GLN C 141 10.62 -12.09 32.23
C GLN C 141 11.50 -10.84 32.10
N GLU C 142 12.28 -10.57 33.15
CA GLU C 142 12.96 -9.28 33.22
C GLU C 142 14.13 -9.20 32.26
N GLU C 143 15.05 -10.16 32.35
CA GLU C 143 16.25 -10.18 31.54
C GLU C 143 16.08 -11.23 30.45
N GLY C 144 16.19 -10.81 29.19
CA GLY C 144 16.11 -11.73 28.09
C GLY C 144 17.49 -12.18 27.64
N GLN C 145 17.49 -13.14 26.72
CA GLN C 145 18.75 -13.67 26.20
C GLN C 145 19.21 -12.83 25.02
N LEU C 146 20.43 -12.30 25.09
CA LEU C 146 20.96 -11.46 24.03
C LEU C 146 21.10 -12.25 22.74
N LEU C 147 20.37 -11.83 21.70
CA LEU C 147 20.54 -12.40 20.37
C LEU C 147 21.47 -11.57 19.50
N GLY C 148 21.72 -10.32 19.87
CA GLY C 148 22.77 -9.59 19.18
C GLY C 148 22.83 -8.11 19.46
N GLN C 149 24.02 -7.53 19.31
CA GLN C 149 24.24 -6.09 19.43
C GLN C 149 24.67 -5.54 18.08
N PHE C 150 24.02 -4.47 17.64
CA PHE C 150 24.19 -3.97 16.28
C PHE C 150 24.12 -2.46 16.27
N THR C 151 24.58 -1.89 15.15
CA THR C 151 24.41 -0.48 14.84
C THR C 151 23.77 -0.33 13.46
N TYR C 152 22.70 0.47 13.39
CA TYR C 152 22.13 0.83 12.11
C TYR C 152 22.95 1.95 11.48
N ASP C 153 23.39 1.74 10.24
CA ASP C 153 24.38 2.60 9.60
C ASP C 153 23.68 3.73 8.87
N GLN C 154 23.89 4.96 9.35
CA GLN C 154 23.24 6.11 8.76
C GLN C 154 23.71 6.39 7.34
N ASP C 155 24.93 5.99 7.01
CA ASP C 155 25.44 6.14 5.65
C ASP C 155 25.23 4.88 4.83
N GLY C 156 24.49 3.91 5.35
CA GLY C 156 24.21 2.67 4.65
C GLY C 156 22.90 2.71 3.90
N GLU C 157 22.48 1.53 3.45
CA GLU C 157 21.25 1.40 2.70
C GLU C 157 20.04 1.55 3.62
N SER C 158 18.88 1.81 3.00
CA SER C 158 17.65 1.99 3.75
C SER C 158 17.31 0.73 4.55
N LEU C 159 17.41 -0.43 3.91
CA LEU C 159 17.16 -1.71 4.55
C LEU C 159 18.49 -2.32 4.96
N GLN C 160 18.61 -2.72 6.22
CA GLN C 160 19.84 -3.34 6.71
C GLN C 160 19.51 -4.62 7.46
N MET C 161 20.28 -5.67 7.16
CA MET C 161 20.14 -6.97 7.79
C MET C 161 21.29 -7.22 8.75
N PHE C 162 21.00 -7.94 9.83
CA PHE C 162 21.95 -8.18 10.91
C PHE C 162 21.87 -9.64 11.32
N GLN C 163 23.03 -10.29 11.42
CA GLN C 163 23.12 -11.71 11.71
C GLN C 163 23.10 -11.96 13.21
N ALA C 164 22.25 -12.88 13.64
CA ALA C 164 22.13 -13.22 15.05
C ALA C 164 23.34 -14.03 15.51
N LEU C 165 23.62 -13.95 16.82
CA LEU C 165 24.70 -14.71 17.42
C LEU C 165 24.39 -16.20 17.35
N LYS C 166 25.42 -16.99 17.04
CA LYS C 166 25.26 -18.44 17.02
C LYS C 166 25.34 -19.00 18.42
N ARG C 167 24.29 -19.73 18.83
CA ARG C 167 24.26 -20.31 20.16
C ARG C 167 24.47 -21.82 20.08
N PRO C 168 25.30 -22.38 20.96
CA PRO C 168 25.51 -23.85 20.97
C PRO C 168 24.24 -24.67 21.18
N ASP C 169 23.33 -24.21 22.03
CA ASP C 169 22.07 -24.88 22.32
C ASP C 169 20.94 -24.23 21.53
N ASP C 170 20.27 -25.01 20.69
CA ASP C 170 19.22 -24.47 19.83
C ASP C 170 17.94 -24.30 20.65
N THR C 171 17.85 -23.16 21.34
CA THR C 171 16.63 -22.75 22.03
C THR C 171 15.79 -21.83 21.14
N ALA C 172 14.50 -22.11 21.08
CA ALA C 172 13.57 -21.34 20.27
C ALA C 172 12.95 -20.19 21.07
N PHE C 173 12.49 -19.18 20.33
CA PHE C 173 11.80 -18.05 20.93
C PHE C 173 10.59 -17.69 20.08
N GLN C 174 9.55 -17.20 20.73
CA GLN C 174 8.42 -16.61 20.03
C GLN C 174 8.18 -15.17 20.46
N ILE C 175 9.01 -14.64 21.35
CA ILE C 175 8.94 -13.25 21.79
C ILE C 175 10.33 -12.66 21.67
N VAL C 176 10.43 -11.51 21.03
CA VAL C 176 11.70 -10.81 20.91
C VAL C 176 11.53 -9.38 21.40
N GLU C 177 12.60 -8.87 22.00
CA GLU C 177 12.69 -7.48 22.44
C GLU C 177 13.75 -6.76 21.62
N LEU C 178 13.35 -5.64 21.03
CA LEU C 178 14.26 -4.73 20.35
C LEU C 178 14.53 -3.56 21.29
N ARG C 179 15.80 -3.37 21.67
CA ARG C 179 16.21 -2.26 22.50
C ARG C 179 17.01 -1.28 21.65
N ILE C 180 16.57 -0.04 21.61
CA ILE C 180 17.30 1.04 20.96
C ILE C 180 18.05 1.78 22.05
N PHE C 181 19.38 1.71 22.01
CA PHE C 181 20.21 2.46 22.95
C PHE C 181 20.56 3.85 22.44
N SER C 182 20.54 4.07 21.13
CA SER C 182 20.82 5.43 20.67
C SER C 182 20.26 5.64 19.27
N ASN C 183 20.01 6.91 18.97
CA ASN C 183 19.60 7.37 17.65
C ASN C 183 20.71 8.19 17.02
N TRP C 184 20.42 8.76 15.85
CA TRP C 184 21.43 9.47 15.07
C TRP C 184 21.40 10.97 15.32
N GLY C 185 20.98 11.39 16.52
CA GLY C 185 21.18 12.76 16.98
C GLY C 185 19.92 13.55 17.22
N HIS C 186 18.75 13.06 16.83
CA HIS C 186 17.53 13.83 17.09
C HIS C 186 17.28 13.92 18.59
N PRO C 187 17.08 15.11 19.15
CA PRO C 187 16.98 15.24 20.61
C PRO C 187 15.61 14.96 21.19
N GLU C 188 14.54 14.87 20.40
CA GLU C 188 13.20 14.69 20.95
C GLU C 188 12.67 13.27 20.84
N TYR C 189 12.94 12.56 19.76
CA TYR C 189 12.32 11.25 19.57
C TYR C 189 13.18 10.38 18.68
N THR C 190 12.74 9.13 18.52
CA THR C 190 13.33 8.16 17.60
C THR C 190 12.18 7.43 16.89
C THR C 190 12.22 7.47 16.83
N CYS C 191 12.22 7.38 15.56
N CYS C 191 12.40 7.33 15.52
CA CYS C 191 11.16 6.77 14.77
CA CYS C 191 11.41 6.76 14.63
C CYS C 191 11.63 5.45 14.17
C CYS C 191 11.84 5.36 14.23
N LEU C 192 10.86 4.39 14.38
N LEU C 192 10.92 4.40 14.35
CA LEU C 192 11.13 3.06 13.86
C LEU C 192 10.18 2.78 12.70
N TYR C 193 10.73 2.51 11.53
CA TYR C 193 9.89 2.28 10.35
C TYR C 193 9.50 0.81 10.21
N ARG C 194 10.47 -0.11 10.25
CA ARG C 194 10.11 -1.52 10.21
C ARG C 194 11.23 -2.36 10.82
N PHE C 195 10.81 -3.39 11.56
CA PHE C 195 11.70 -4.36 12.19
C PHE C 195 11.20 -5.75 11.81
N ARG C 196 12.09 -6.59 11.30
CA ARG C 196 11.75 -7.93 10.86
C ARG C 196 12.61 -8.96 11.57
N VAL C 197 12.05 -10.15 11.77
CA VAL C 197 12.74 -11.26 12.43
C VAL C 197 12.71 -12.46 11.49
N HIS C 198 13.90 -13.01 11.20
CA HIS C 198 14.06 -14.15 10.32
C HIS C 198 14.72 -15.29 11.07
N GLY C 199 14.31 -16.51 10.72
CA GLY C 199 14.85 -17.68 11.40
C GLY C 199 14.20 -18.94 10.88
N GLU C 200 14.36 -20.02 11.66
CA GLU C 200 13.88 -21.33 11.27
C GLU C 200 12.82 -21.83 12.24
N PRO C 201 11.64 -22.25 11.76
CA PRO C 201 10.61 -22.76 12.66
C PRO C 201 11.03 -24.08 13.29
N VAL C 202 10.44 -24.37 14.46
CA VAL C 202 10.74 -25.61 15.16
C VAL C 202 9.88 -26.76 14.63
N SER D 2 -12.40 18.88 10.44
CA SER D 2 -12.84 18.08 11.58
C SER D 2 -13.95 17.11 11.16
N MET D 3 -14.90 17.63 10.38
CA MET D 3 -15.99 16.80 9.89
C MET D 3 -15.47 15.63 9.06
N GLU D 4 -14.62 15.93 8.08
CA GLU D 4 -14.07 14.89 7.23
C GLU D 4 -13.19 13.93 8.01
N ASP D 5 -12.42 14.44 8.98
CA ASP D 5 -11.56 13.57 9.78
C ASP D 5 -12.37 12.61 10.63
N SER D 6 -13.44 13.09 11.28
CA SER D 6 -14.31 12.20 12.03
C SER D 6 -14.97 11.18 11.12
N TRP D 7 -15.43 11.62 9.95
CA TRP D 7 -16.04 10.68 9.03
C TRP D 7 -15.05 9.62 8.58
N THR D 8 -13.80 10.01 8.31
CA THR D 8 -12.81 9.02 7.86
C THR D 8 -12.44 8.06 8.99
N SER D 9 -12.42 8.53 10.24
CA SER D 9 -12.23 7.61 11.36
C SER D 9 -13.34 6.56 11.38
N LEU D 10 -14.59 7.01 11.27
CA LEU D 10 -15.71 6.08 11.25
C LEU D 10 -15.63 5.15 10.04
N GLU D 11 -15.19 5.68 8.89
CA GLU D 11 -15.06 4.89 7.68
C GLU D 11 -14.00 3.80 7.84
N HIS D 12 -12.88 4.14 8.50
CA HIS D 12 -11.86 3.15 8.79
C HIS D 12 -12.40 2.05 9.70
N ILE D 13 -13.20 2.44 10.70
CA ILE D 13 -13.82 1.43 11.56
C ILE D 13 -14.73 0.51 10.74
N LEU D 14 -15.52 1.10 9.85
CA LEU D 14 -16.55 0.34 9.14
C LEU D 14 -16.04 -0.46 7.96
N TRP D 15 -14.89 -0.09 7.38
CA TRP D 15 -14.54 -0.58 6.05
C TRP D 15 -14.49 -2.09 5.93
N PRO D 16 -13.76 -2.84 6.77
CA PRO D 16 -13.60 -4.29 6.50
C PRO D 16 -14.85 -5.11 6.75
N PHE D 17 -15.91 -4.52 7.31
CA PHE D 17 -17.11 -5.26 7.65
C PHE D 17 -18.27 -4.98 6.71
N THR D 18 -18.20 -3.90 5.93
CA THR D 18 -19.21 -3.61 4.94
C THR D 18 -18.95 -4.38 3.65
N ARG D 19 -20.01 -4.49 2.85
CA ARG D 19 -19.94 -5.02 1.50
C ARG D 19 -20.09 -3.87 0.52
N LEU D 20 -19.26 -3.86 -0.52
CA LEU D 20 -19.27 -2.81 -1.53
C LEU D 20 -19.84 -3.39 -2.82
N ARG D 21 -20.92 -2.78 -3.32
CA ARG D 21 -21.48 -3.12 -4.62
C ARG D 21 -21.39 -1.90 -5.53
N HIS D 22 -20.82 -2.10 -6.72
CA HIS D 22 -20.83 -1.07 -7.76
C HIS D 22 -22.07 -1.29 -8.62
N ASN D 23 -23.00 -0.33 -8.56
CA ASN D 23 -24.15 -0.36 -9.45
C ASN D 23 -23.82 0.23 -10.81
N GLY D 24 -22.75 1.01 -10.89
CA GLY D 24 -22.21 1.50 -12.13
C GLY D 24 -20.73 1.73 -11.96
N PRO D 25 -20.03 2.03 -13.04
CA PRO D 25 -18.57 2.21 -12.97
C PRO D 25 -18.20 3.35 -12.05
N PRO D 26 -17.22 3.16 -11.17
CA PRO D 26 -16.72 4.24 -10.33
C PRO D 26 -15.83 5.16 -11.13
N PRO D 27 -15.57 6.38 -10.65
CA PRO D 27 -14.62 7.25 -11.34
C PRO D 27 -13.25 6.60 -11.41
N VAL D 28 -12.67 6.61 -12.61
CA VAL D 28 -11.40 5.96 -12.85
C VAL D 28 -10.58 6.82 -13.81
N PRO E 16 -19.91 17.73 23.43
CA PRO E 16 -18.97 18.34 22.50
C PRO E 16 -17.92 17.37 21.97
N PHE E 17 -17.86 17.23 20.65
CA PHE E 17 -16.92 16.37 19.95
C PHE E 17 -16.18 17.20 18.93
N THR E 18 -14.85 17.13 18.91
CA THR E 18 -14.08 17.97 18.01
C THR E 18 -12.85 17.22 17.53
N ARG E 19 -12.46 17.44 16.27
CA ARG E 19 -11.17 17.04 15.76
C ARG E 19 -10.25 18.27 15.73
N LEU E 20 -9.03 18.11 16.22
CA LEU E 20 -8.09 19.21 16.34
C LEU E 20 -7.12 19.22 15.16
N ARG E 21 -6.74 20.43 14.73
CA ARG E 21 -5.83 20.59 13.61
C ARG E 21 -4.38 20.52 14.09
N HIS E 22 -3.55 19.83 13.32
CA HIS E 22 -2.14 19.63 13.66
C HIS E 22 -1.29 20.39 12.64
N ASN E 23 -0.89 21.62 13.00
CA ASN E 23 0.07 22.33 12.19
C ASN E 23 1.49 21.80 12.37
N GLY E 24 1.79 21.26 13.55
CA GLY E 24 3.07 20.65 13.79
C GLY E 24 3.25 19.37 13.00
N PRO E 25 4.36 19.26 12.28
CA PRO E 25 4.57 18.08 11.44
C PRO E 25 4.68 16.83 12.28
N PRO E 26 4.28 15.68 11.74
CA PRO E 26 4.40 14.43 12.49
C PRO E 26 5.84 13.99 12.59
N PRO E 27 6.16 13.09 13.51
CA PRO E 27 7.50 12.48 13.52
C PRO E 27 7.77 11.77 12.20
N VAL E 28 9.01 11.90 11.73
CA VAL E 28 9.41 11.33 10.44
C VAL E 28 10.74 10.62 10.61
#